data_7N40
#
_entry.id   7N40
#
_cell.length_a   133.580
_cell.length_b   77.810
_cell.length_c   64.560
_cell.angle_alpha   90.00
_cell.angle_beta   114.71
_cell.angle_gamma   90.00
#
_symmetry.space_group_name_H-M   'C 1 2 1'
#
loop_
_entity.id
_entity.type
_entity.pdbx_description
1 polymer 'Histone-binding protein RBBP4'
2 polymer 'Isoform 2 of Protein lin-9 homolog'
3 polymer 'Protein lin-37 homolog'
4 water water
#
loop_
_entity_poly.entity_id
_entity_poly.type
_entity_poly.pdbx_seq_one_letter_code
_entity_poly.pdbx_strand_id
1 'polypeptide(L)'
;MADKEAAFDDAVEERVINEEYKIWKKNTPFLYDLVMTHALEWPSLTAQWLPDVTRPEGKDFSIHRLVLGTHTSDEQNHLV
IASVQLPNDDAQFDASHYDSEKGEFGGFGSVSGKIEIEIKINHEGEVNRARYMPQNPCIIATKTPSSDVLVFDYTKHPSK
PDPSGECNPDLRLRGHQKEGYGLSWNPNLSGHLLSASDDHTICLWDISAVPKEGKVVDAKTIFTGHTAVVEDVSWHLLHE
SLFGSVADDQKLMIWDTRSNNTSKPSHSVDAHTAEVNCLSFNPYSEFILATGSADKTVALWDLRNLKLKLHSFESHKDEI
FQVQWSPHNETILASSGTDRRLNVWDLSKIGEEQSPEDAEDGPPELLFIHGGHTAKISDFSWNPNEPWVICSVSEDNIMQ
VWQMAENIYNDEDPEGSVDPEGQGS
;
A
2 'polypeptide(L)'
;STPDKKASQKIGFRLRNLLKLPKAHKWCIYEWFYSNIDKPLFEGDNDFCVCLKESFPNLKTRKLTRVEWGKIRRLMGKPR
RCSSAFFEEERSALKQKRQKIRLLQQRKVADVSQFKDLPDEIPLPLVIGTKVTARLRGVHDGLFTGQIDAVDTLNATYRV
TFDRTGLGTHTIPDYEVLSN
;
B
3 'polypeptide(L)' SNTYVIKLFDRSVDLAQFSENTPLYPICRAWMRNSPSVR C
#
# COMPACT_ATOMS: atom_id res chain seq x y z
N ASP A 10 -5.33 -1.19 23.01
CA ASP A 10 -5.61 -1.27 21.57
C ASP A 10 -6.68 -0.29 21.10
N ALA A 11 -7.54 0.17 22.02
CA ALA A 11 -8.63 1.06 21.64
C ALA A 11 -8.11 2.44 21.26
N VAL A 12 -7.15 2.99 22.00
CA VAL A 12 -6.67 4.33 21.70
C VAL A 12 -6.01 4.37 20.31
N GLU A 13 -5.21 3.35 19.99
CA GLU A 13 -4.53 3.35 18.69
C GLU A 13 -5.54 3.22 17.55
N GLU A 14 -6.55 2.35 17.73
CA GLU A 14 -7.47 2.08 16.63
C GLU A 14 -8.50 3.19 16.46
N ARG A 15 -8.81 3.94 17.52
CA ARG A 15 -9.67 5.09 17.32
C ARG A 15 -8.95 6.16 16.49
N VAL A 16 -7.68 6.43 16.78
CA VAL A 16 -6.93 7.40 15.99
C VAL A 16 -6.87 6.95 14.53
N ILE A 17 -6.55 5.67 14.30
CA ILE A 17 -6.40 5.16 12.95
C ILE A 17 -7.71 5.25 12.19
N ASN A 18 -8.83 4.89 12.82
CA ASN A 18 -10.12 4.94 12.16
C ASN A 18 -10.47 6.36 11.73
N GLU A 19 -10.46 7.28 12.67
CA GLU A 19 -10.83 8.65 12.36
C GLU A 19 -9.88 9.26 11.34
N GLU A 20 -8.57 9.05 11.53
CA GLU A 20 -7.62 9.57 10.56
C GLU A 20 -7.83 8.95 9.18
N TYR A 21 -8.29 7.70 9.12
CA TYR A 21 -8.56 7.10 7.82
C TYR A 21 -9.81 7.71 7.18
N LYS A 22 -10.87 7.91 7.97
CA LYS A 22 -12.09 8.48 7.42
C LYS A 22 -11.89 9.93 7.02
N ILE A 23 -11.11 10.67 7.82
CA ILE A 23 -10.68 12.02 7.45
C ILE A 23 -9.98 12.01 6.09
N TRP A 24 -9.08 11.04 5.89
CA TRP A 24 -8.33 10.95 4.65
C TRP A 24 -9.26 10.74 3.45
N LYS A 25 -10.21 9.82 3.56
CA LYS A 25 -11.18 9.63 2.48
C LYS A 25 -11.91 10.94 2.14
N LYS A 26 -12.43 11.61 3.15
CA LYS A 26 -13.13 12.87 2.94
C LYS A 26 -12.28 13.86 2.16
N ASN A 27 -10.97 13.85 2.39
CA ASN A 27 -10.07 14.82 1.77
C ASN A 27 -9.46 14.34 0.47
N THR A 28 -9.73 13.10 0.10
CA THR A 28 -9.04 12.52 -1.03
C THR A 28 -9.25 13.29 -2.35
N PRO A 29 -10.36 14.02 -2.57
CA PRO A 29 -10.46 14.79 -3.83
C PRO A 29 -9.48 15.97 -3.98
N PHE A 30 -8.89 16.50 -2.91
CA PHE A 30 -7.88 17.54 -3.11
C PHE A 30 -6.50 16.94 -3.35
N LEU A 31 -6.34 15.65 -3.11
CA LEU A 31 -5.01 15.07 -2.99
C LEU A 31 -4.67 14.07 -4.08
N TYR A 32 -5.64 13.52 -4.79
CA TYR A 32 -5.36 12.48 -5.78
C TYR A 32 -6.04 12.78 -7.11
N ASP A 33 -5.25 12.72 -8.19
CA ASP A 33 -5.84 12.56 -9.51
C ASP A 33 -6.58 11.23 -9.59
N LEU A 34 -6.27 10.28 -8.71
CA LEU A 34 -6.68 8.88 -8.86
C LEU A 34 -6.41 8.07 -7.57
N VAL A 35 -7.43 7.44 -6.98
CA VAL A 35 -7.26 6.54 -5.83
C VAL A 35 -8.15 5.33 -6.00
N MET A 36 -7.54 4.16 -5.87
CA MET A 36 -8.23 2.88 -6.06
C MET A 36 -7.81 1.98 -4.91
N THR A 37 -8.78 1.52 -4.15
CA THR A 37 -8.57 0.61 -3.04
C THR A 37 -9.11 -0.74 -3.42
N HIS A 38 -8.27 -1.78 -3.31
CA HIS A 38 -8.66 -3.16 -3.54
C HIS A 38 -8.26 -4.01 -2.34
N ALA A 39 -9.04 -5.06 -2.10
CA ALA A 39 -8.76 -6.00 -1.02
C ALA A 39 -8.34 -7.34 -1.62
N LEU A 40 -7.11 -7.75 -1.33
CA LEU A 40 -6.61 -9.06 -1.70
C LEU A 40 -7.09 -10.13 -0.72
N GLU A 41 -7.15 -11.37 -1.20
CA GLU A 41 -7.54 -12.45 -0.31
C GLU A 41 -6.56 -12.57 0.83
N TRP A 42 -5.29 -12.58 0.52
CA TRP A 42 -4.20 -12.58 1.46
C TRP A 42 -3.40 -11.31 1.26
N PRO A 43 -2.74 -10.81 2.30
CA PRO A 43 -1.88 -9.63 2.11
C PRO A 43 -0.68 -10.02 1.28
N SER A 44 -0.20 -9.06 0.48
CA SER A 44 1.04 -9.21 -0.28
C SER A 44 2.20 -8.49 0.42
N LEU A 45 3.34 -9.18 0.48
CA LEU A 45 4.61 -8.62 0.96
C LEU A 45 5.40 -7.93 -0.14
N THR A 46 4.98 -8.09 -1.39
CA THR A 46 5.73 -7.63 -2.56
C THR A 46 4.77 -6.97 -3.53
N ALA A 47 5.29 -6.04 -4.32
CA ALA A 47 4.48 -5.41 -5.36
C ALA A 47 5.40 -4.78 -6.40
N GLN A 48 5.17 -5.11 -7.67
CA GLN A 48 5.99 -4.52 -8.73
C GLN A 48 5.20 -4.46 -10.02
N TRP A 49 5.20 -3.29 -10.66
CA TRP A 49 4.59 -3.13 -11.97
C TRP A 49 5.41 -3.88 -13.03
N LEU A 50 4.77 -4.78 -13.76
CA LEU A 50 5.39 -5.30 -14.97
C LEU A 50 5.52 -4.16 -15.97
N PRO A 51 6.51 -4.21 -16.87
CA PRO A 51 6.81 -3.05 -17.70
C PRO A 51 5.92 -2.90 -18.93
N ASP A 52 5.14 -3.89 -19.30
CA ASP A 52 4.30 -3.84 -20.48
C ASP A 52 3.00 -3.09 -20.19
N VAL A 53 2.48 -2.39 -21.19
CA VAL A 53 1.16 -1.75 -21.11
C VAL A 53 0.44 -1.95 -22.43
N THR A 54 -0.82 -2.37 -22.35
CA THR A 54 -1.70 -2.44 -23.51
C THR A 54 -2.56 -1.18 -23.57
N ARG A 55 -2.48 -0.45 -24.69
CA ARG A 55 -3.27 0.75 -24.95
C ARG A 55 -4.31 0.50 -26.04
N PRO A 56 -5.44 -0.11 -25.69
CA PRO A 56 -6.44 -0.46 -26.71
C PRO A 56 -6.84 0.72 -27.57
N GLU A 57 -7.06 0.46 -28.86
CA GLU A 57 -7.47 1.48 -29.80
C GLU A 57 -8.82 2.08 -29.41
N GLY A 58 -8.85 3.40 -29.22
CA GLY A 58 -10.11 4.08 -28.99
C GLY A 58 -10.71 3.89 -27.61
N LYS A 59 -9.89 3.55 -26.62
CA LYS A 59 -10.39 3.40 -25.25
C LYS A 59 -9.81 4.49 -24.35
N ASP A 60 -10.53 4.73 -23.26
CA ASP A 60 -10.12 5.69 -22.27
C ASP A 60 -9.41 5.01 -21.11
N PHE A 61 -8.87 3.81 -21.34
CA PHE A 61 -8.10 3.10 -20.34
C PHE A 61 -6.96 2.34 -21.03
N SER A 62 -5.90 2.09 -20.26
CA SER A 62 -4.78 1.24 -20.62
C SER A 62 -4.67 0.10 -19.61
N ILE A 63 -4.04 -0.99 -20.00
CA ILE A 63 -3.99 -2.19 -19.17
C ILE A 63 -2.57 -2.42 -18.72
N HIS A 64 -2.41 -2.62 -17.41
CA HIS A 64 -1.13 -2.79 -16.73
C HIS A 64 -1.14 -4.11 -15.96
N ARG A 65 0.05 -4.58 -15.61
CA ARG A 65 0.17 -5.84 -14.90
C ARG A 65 1.07 -5.68 -13.70
N LEU A 66 0.70 -6.35 -12.62
CA LEU A 66 1.37 -6.25 -11.34
C LEU A 66 1.82 -7.63 -10.91
N VAL A 67 3.08 -7.74 -10.46
CA VAL A 67 3.60 -8.93 -9.81
C VAL A 67 3.32 -8.80 -8.32
N LEU A 68 2.44 -9.65 -7.80
CA LEU A 68 2.20 -9.76 -6.37
C LEU A 68 2.39 -11.20 -5.92
N GLY A 69 2.29 -11.41 -4.62
CA GLY A 69 2.25 -12.74 -4.08
C GLY A 69 1.32 -12.80 -2.88
N THR A 70 1.26 -13.97 -2.27
CA THR A 70 0.46 -14.13 -1.07
C THR A 70 1.34 -14.25 0.16
N HIS A 71 0.75 -13.96 1.30
CA HIS A 71 1.37 -14.26 2.59
C HIS A 71 0.32 -14.93 3.48
N THR A 72 0.37 -16.25 3.54
CA THR A 72 -0.51 -17.01 4.42
C THR A 72 0.27 -18.19 4.97
N SER A 73 0.00 -18.53 6.22
CA SER A 73 0.72 -19.62 6.88
C SER A 73 -0.03 -20.94 6.83
N ASP A 74 -1.36 -20.92 6.88
CA ASP A 74 -2.12 -22.15 6.91
C ASP A 74 -3.03 -22.32 5.70
N GLU A 75 -2.61 -21.79 4.55
CA GLU A 75 -3.14 -22.16 3.24
C GLU A 75 -1.98 -22.07 2.24
N GLN A 76 -2.19 -22.58 1.02
CA GLN A 76 -1.11 -22.55 0.03
C GLN A 76 -0.89 -21.14 -0.50
N ASN A 77 0.35 -20.84 -0.85
CA ASN A 77 0.74 -19.52 -1.31
C ASN A 77 0.89 -19.48 -2.83
N HIS A 78 0.91 -18.28 -3.38
CA HIS A 78 0.99 -18.17 -4.83
C HIS A 78 1.75 -16.93 -5.24
N LEU A 79 2.60 -17.08 -6.25
CA LEU A 79 3.02 -15.96 -7.06
C LEU A 79 1.86 -15.53 -7.94
N VAL A 80 1.60 -14.21 -8.00
CA VAL A 80 0.37 -13.69 -8.58
C VAL A 80 0.69 -12.63 -9.62
N ILE A 81 0.06 -12.74 -10.79
CA ILE A 81 0.07 -11.69 -11.79
C ILE A 81 -1.35 -11.17 -11.90
N ALA A 82 -1.54 -9.91 -11.61
CA ALA A 82 -2.85 -9.30 -11.63
C ALA A 82 -2.89 -8.21 -12.67
N SER A 83 -4.10 -7.86 -13.08
CA SER A 83 -4.29 -6.88 -14.14
C SER A 83 -4.99 -5.65 -13.58
N VAL A 84 -4.62 -4.48 -14.08
CA VAL A 84 -5.21 -3.22 -13.62
C VAL A 84 -5.57 -2.41 -14.85
N GLN A 85 -6.71 -1.74 -14.80
CA GLN A 85 -7.10 -0.85 -15.87
C GLN A 85 -6.94 0.57 -15.35
N LEU A 86 -6.10 1.34 -15.99
CA LEU A 86 -5.84 2.68 -15.54
C LEU A 86 -6.42 3.67 -16.53
N PRO A 87 -6.95 4.79 -16.06
CA PRO A 87 -7.48 5.78 -16.99
C PRO A 87 -6.36 6.48 -17.72
N ASN A 88 -6.66 6.94 -18.94
CA ASN A 88 -5.81 7.89 -19.61
C ASN A 88 -6.51 9.24 -19.63
N ASP A 89 -6.02 10.17 -20.46
CA ASP A 89 -6.46 11.55 -20.40
C ASP A 89 -7.85 11.77 -20.98
N ASP A 90 -8.40 10.80 -21.71
CA ASP A 90 -9.74 10.95 -22.27
C ASP A 90 -10.82 10.30 -21.41
N ALA A 91 -10.46 9.85 -20.21
CA ALA A 91 -11.39 9.12 -19.36
C ALA A 91 -12.12 10.09 -18.45
N GLN A 92 -13.43 10.01 -18.44
CA GLN A 92 -14.23 10.87 -17.61
C GLN A 92 -14.68 10.08 -16.39
N PHE A 93 -14.37 10.56 -15.20
CA PHE A 93 -14.80 9.91 -13.98
C PHE A 93 -15.14 10.97 -12.95
N ASP A 94 -15.86 10.55 -11.91
CA ASP A 94 -16.20 11.44 -10.82
C ASP A 94 -15.05 11.44 -9.82
N ALA A 95 -14.26 12.51 -9.82
CA ALA A 95 -13.15 12.66 -8.88
C ALA A 95 -13.54 13.40 -7.62
N SER A 96 -14.82 13.77 -7.50
CA SER A 96 -15.29 14.65 -6.44
C SER A 96 -15.39 13.99 -5.06
N HIS A 97 -15.26 12.67 -4.96
CA HIS A 97 -15.41 12.02 -3.66
C HIS A 97 -15.01 10.55 -3.75
N TYR A 98 -14.54 10.02 -2.62
CA TYR A 98 -14.18 8.61 -2.48
C TYR A 98 -15.46 7.78 -2.46
N ASP A 99 -15.67 6.96 -3.49
CA ASP A 99 -16.80 6.05 -3.49
C ASP A 99 -16.41 4.75 -2.81
N SER A 100 -17.22 4.33 -1.86
CA SER A 100 -17.04 3.04 -1.22
C SER A 100 -18.31 2.21 -1.27
N GLU A 101 -19.40 2.74 -1.84
CA GLU A 101 -20.68 2.04 -1.85
C GLU A 101 -21.10 1.52 -3.21
N LYS A 102 -20.75 2.19 -4.31
CA LYS A 102 -21.36 1.87 -5.58
C LYS A 102 -20.43 1.18 -6.57
N GLY A 103 -19.18 0.93 -6.21
CA GLY A 103 -18.27 0.29 -7.15
C GLY A 103 -17.56 -0.96 -6.62
N GLU A 104 -16.59 -1.46 -7.38
CA GLU A 104 -15.87 -2.70 -7.07
C GLU A 104 -14.47 -2.47 -6.56
N PHE A 105 -14.01 -1.22 -6.52
CA PHE A 105 -12.83 -0.81 -5.77
C PHE A 105 -13.25 0.40 -4.95
N GLY A 106 -12.44 0.77 -3.95
CA GLY A 106 -12.68 1.98 -3.19
C GLY A 106 -12.02 3.20 -3.83
N GLY A 107 -12.73 4.31 -3.84
CA GLY A 107 -12.16 5.60 -4.22
C GLY A 107 -12.85 6.17 -5.48
N PHE A 108 -12.02 6.65 -6.40
CA PHE A 108 -12.47 7.22 -7.67
C PHE A 108 -11.39 7.02 -8.73
N GLY A 109 -11.86 6.99 -9.98
CA GLY A 109 -10.99 6.84 -11.12
C GLY A 109 -11.54 5.88 -12.14
N SER A 110 -10.65 5.14 -12.80
CA SER A 110 -11.01 4.21 -13.85
C SER A 110 -12.23 3.38 -13.49
N VAL A 111 -13.36 3.66 -14.14
CA VAL A 111 -14.54 2.82 -14.00
C VAL A 111 -14.14 1.35 -14.11
N SER A 112 -13.44 1.00 -15.17
CA SER A 112 -12.97 -0.36 -15.41
C SER A 112 -11.77 -0.73 -14.55
N GLY A 113 -11.38 0.11 -13.60
CA GLY A 113 -10.08 -0.02 -12.96
C GLY A 113 -9.93 -1.12 -11.93
N LYS A 114 -10.72 -2.18 -12.08
CA LYS A 114 -10.65 -3.28 -11.12
C LYS A 114 -9.38 -4.09 -11.30
N ILE A 115 -8.85 -4.56 -10.19
CA ILE A 115 -7.78 -5.55 -10.25
C ILE A 115 -8.38 -6.90 -10.61
N GLU A 116 -7.70 -7.64 -11.49
CA GLU A 116 -8.12 -8.97 -11.91
C GLU A 116 -6.95 -9.93 -11.75
N ILE A 117 -7.23 -11.11 -11.20
CA ILE A 117 -6.19 -12.12 -11.05
C ILE A 117 -6.09 -12.86 -12.39
N GLU A 118 -4.93 -12.74 -13.05
CA GLU A 118 -4.72 -13.41 -14.31
C GLU A 118 -3.99 -14.73 -14.19
N ILE A 119 -3.01 -14.82 -13.28
CA ILE A 119 -2.22 -16.02 -13.09
C ILE A 119 -1.87 -16.17 -11.62
N LYS A 120 -2.15 -17.34 -11.06
CA LYS A 120 -1.67 -17.76 -9.75
C LYS A 120 -0.79 -18.98 -9.93
N ILE A 121 0.48 -18.91 -9.50
CA ILE A 121 1.42 -20.01 -9.63
C ILE A 121 1.82 -20.51 -8.24
N ASN A 122 1.86 -21.84 -8.09
CA ASN A 122 2.11 -22.44 -6.79
C ASN A 122 3.50 -22.08 -6.31
N HIS A 123 3.63 -21.81 -5.02
CA HIS A 123 4.86 -21.30 -4.45
C HIS A 123 5.17 -22.05 -3.16
N GLU A 124 6.46 -22.16 -2.82
CA GLU A 124 6.91 -22.81 -1.58
C GLU A 124 6.87 -21.77 -0.47
N GLY A 125 5.74 -21.70 0.23
CA GLY A 125 5.60 -20.74 1.29
C GLY A 125 5.33 -19.33 0.77
N GLU A 126 5.34 -18.38 1.70
CA GLU A 126 5.01 -17.00 1.37
C GLU A 126 6.00 -16.46 0.35
N VAL A 127 5.58 -15.43 -0.37
CA VAL A 127 6.42 -14.81 -1.40
C VAL A 127 7.07 -13.61 -0.76
N ASN A 128 8.29 -13.81 -0.23
CA ASN A 128 8.97 -12.75 0.50
C ASN A 128 9.22 -11.54 -0.40
N ARG A 129 9.54 -11.78 -1.67
CA ARG A 129 9.71 -10.73 -2.68
C ARG A 129 9.71 -11.38 -4.07
N ALA A 130 9.22 -10.63 -5.05
CA ALA A 130 9.12 -11.11 -6.42
C ALA A 130 9.49 -9.99 -7.37
N ARG A 131 10.48 -10.23 -8.25
CA ARG A 131 10.91 -9.24 -9.22
C ARG A 131 11.05 -9.86 -10.61
N TYR A 132 10.70 -9.09 -11.63
CA TYR A 132 10.84 -9.51 -13.01
C TYR A 132 12.19 -9.08 -13.57
N MET A 133 12.70 -9.86 -14.51
CA MET A 133 13.99 -9.58 -15.14
C MET A 133 13.79 -8.50 -16.20
N PRO A 134 14.58 -7.43 -16.19
CA PRO A 134 14.38 -6.36 -17.19
C PRO A 134 14.48 -6.87 -18.61
N GLN A 135 15.49 -7.70 -18.92
CA GLN A 135 15.71 -8.11 -20.29
C GLN A 135 14.69 -9.13 -20.78
N ASN A 136 13.85 -9.63 -19.89
CA ASN A 136 12.78 -10.53 -20.28
C ASN A 136 11.74 -10.55 -19.17
N PRO A 137 10.76 -9.63 -19.23
CA PRO A 137 9.79 -9.48 -18.12
C PRO A 137 8.96 -10.72 -17.85
N CYS A 138 9.07 -11.76 -18.68
CA CYS A 138 8.39 -13.01 -18.40
C CYS A 138 9.03 -13.79 -17.26
N ILE A 139 10.25 -13.43 -16.88
CA ILE A 139 11.00 -14.18 -15.89
C ILE A 139 10.91 -13.42 -14.58
N ILE A 140 10.29 -14.05 -13.58
CA ILE A 140 10.19 -13.51 -12.23
C ILE A 140 11.02 -14.37 -11.30
N ALA A 141 11.92 -13.73 -10.57
CA ALA A 141 12.62 -14.36 -9.47
C ALA A 141 11.83 -14.15 -8.19
N THR A 142 11.89 -15.12 -7.31
CA THR A 142 11.11 -15.02 -6.09
C THR A 142 11.96 -15.48 -4.91
N LYS A 143 11.75 -14.83 -3.77
CA LYS A 143 12.48 -15.16 -2.55
C LYS A 143 11.56 -15.96 -1.64
N THR A 144 12.01 -17.15 -1.25
CA THR A 144 11.20 -18.05 -0.47
C THR A 144 11.69 -18.12 0.96
N PRO A 145 10.85 -18.62 1.86
CA PRO A 145 11.30 -18.84 3.24
C PRO A 145 12.24 -20.03 3.39
N SER A 146 12.29 -20.94 2.43
CA SER A 146 13.23 -22.06 2.52
C SER A 146 14.64 -21.65 2.14
N SER A 147 14.85 -20.36 1.83
CA SER A 147 16.16 -19.77 1.55
C SER A 147 16.57 -19.89 0.09
N ASP A 148 15.90 -20.77 -0.66
CA ASP A 148 16.09 -20.80 -2.11
C ASP A 148 15.56 -19.52 -2.73
N VAL A 149 16.16 -19.13 -3.86
CA VAL A 149 15.58 -18.16 -4.76
C VAL A 149 15.00 -18.91 -5.96
N LEU A 150 13.74 -18.66 -6.27
CA LEU A 150 13.07 -19.41 -7.32
C LEU A 150 12.84 -18.51 -8.52
N VAL A 151 12.90 -19.13 -9.70
CA VAL A 151 12.71 -18.46 -10.97
C VAL A 151 11.53 -19.10 -11.69
N PHE A 152 10.64 -18.25 -12.21
CA PHE A 152 9.49 -18.70 -12.98
C PHE A 152 9.43 -17.92 -14.27
N ASP A 153 9.14 -18.61 -15.37
CA ASP A 153 8.63 -17.99 -16.58
C ASP A 153 7.13 -18.17 -16.51
N TYR A 154 6.40 -17.07 -16.26
CA TYR A 154 4.99 -17.25 -15.96
C TYR A 154 4.19 -17.65 -17.19
N THR A 155 4.72 -17.39 -18.39
CA THR A 155 4.04 -17.80 -19.62
C THR A 155 4.01 -19.31 -19.80
N LYS A 156 4.91 -20.04 -19.15
CA LYS A 156 4.96 -21.48 -19.31
C LYS A 156 4.23 -22.21 -18.19
N HIS A 157 3.56 -21.48 -17.28
CA HIS A 157 2.80 -22.14 -16.23
C HIS A 157 1.30 -21.97 -16.45
N PRO A 158 0.48 -22.89 -15.94
CA PRO A 158 -0.96 -22.79 -16.18
C PRO A 158 -1.58 -21.61 -15.45
N SER A 159 -2.69 -21.11 -16.01
CA SER A 159 -3.38 -19.97 -15.41
C SER A 159 -3.91 -20.34 -14.02
N LYS A 160 -4.53 -21.55 -13.90
CA LYS A 160 -4.98 -22.15 -12.65
C LYS A 160 -3.91 -23.07 -12.10
N PRO A 161 -3.50 -22.88 -10.85
CA PRO A 161 -2.47 -23.76 -10.27
C PRO A 161 -3.04 -25.09 -9.82
N ASP A 162 -2.18 -26.12 -9.85
CA ASP A 162 -2.54 -27.45 -9.39
C ASP A 162 -2.99 -27.40 -7.93
N PRO A 163 -4.18 -27.93 -7.60
CA PRO A 163 -4.63 -27.86 -6.19
C PRO A 163 -3.81 -28.71 -5.24
N SER A 164 -3.00 -29.65 -5.74
CA SER A 164 -2.05 -30.32 -4.87
C SER A 164 -1.08 -29.31 -4.24
N GLY A 165 -1.00 -28.11 -4.81
CA GLY A 165 -0.17 -27.03 -4.31
C GLY A 165 1.27 -27.12 -4.72
N GLU A 166 1.64 -28.14 -5.51
CA GLU A 166 3.03 -28.44 -5.79
C GLU A 166 3.69 -27.31 -6.56
N CYS A 167 4.85 -26.87 -6.07
CA CYS A 167 5.62 -25.78 -6.65
C CYS A 167 6.69 -26.37 -7.57
N ASN A 168 6.68 -25.98 -8.84
CA ASN A 168 7.60 -26.49 -9.87
C ASN A 168 8.37 -25.33 -10.50
N PRO A 169 9.38 -24.80 -9.82
CA PRO A 169 10.08 -23.63 -10.37
C PRO A 169 10.80 -24.01 -11.65
N ASP A 170 10.99 -23.01 -12.50
CA ASP A 170 11.81 -23.20 -13.70
C ASP A 170 13.29 -23.26 -13.37
N LEU A 171 13.74 -22.51 -12.36
CA LEU A 171 15.06 -22.68 -11.82
C LEU A 171 14.98 -22.52 -10.32
N ARG A 172 15.86 -23.24 -9.62
CA ARG A 172 15.97 -23.14 -8.18
C ARG A 172 17.39 -22.71 -7.87
N LEU A 173 17.54 -21.50 -7.31
CA LEU A 173 18.84 -20.89 -7.06
C LEU A 173 19.26 -21.10 -5.61
N ARG A 174 20.39 -21.77 -5.42
CA ARG A 174 20.92 -22.13 -4.12
C ARG A 174 22.14 -21.28 -3.76
N GLY A 175 22.49 -21.30 -2.48
CA GLY A 175 23.58 -20.50 -1.99
C GLY A 175 23.32 -19.90 -0.63
N HIS A 176 22.05 -19.70 -0.31
CA HIS A 176 21.67 -19.18 0.99
C HIS A 176 21.33 -20.33 1.93
N GLN A 177 21.55 -20.08 3.22
CA GLN A 177 21.18 -21.03 4.26
C GLN A 177 20.02 -20.52 5.09
N LYS A 178 19.59 -19.27 4.85
CA LYS A 178 18.49 -18.64 5.55
C LYS A 178 17.68 -17.85 4.53
N GLU A 179 16.45 -17.52 4.90
CA GLU A 179 15.61 -16.71 4.04
C GLU A 179 16.09 -15.24 4.01
N GLY A 180 15.52 -14.46 3.09
CA GLY A 180 15.78 -13.03 3.06
C GLY A 180 14.74 -12.31 2.25
N TYR A 181 14.98 -11.01 2.02
CA TYR A 181 14.06 -10.21 1.22
C TYR A 181 14.72 -9.44 0.08
N GLY A 182 16.02 -9.20 0.10
CA GLY A 182 16.65 -8.43 -0.97
C GLY A 182 16.75 -9.21 -2.27
N LEU A 183 16.43 -8.52 -3.37
CA LEU A 183 16.35 -9.10 -4.72
C LEU A 183 16.58 -8.01 -5.76
N SER A 184 17.51 -8.21 -6.69
CA SER A 184 17.71 -7.18 -7.71
C SER A 184 18.35 -7.78 -8.96
N TRP A 185 17.65 -7.67 -10.09
CA TRP A 185 18.18 -8.12 -11.39
C TRP A 185 19.12 -7.07 -11.96
N ASN A 186 20.20 -7.52 -12.62
CA ASN A 186 21.13 -6.56 -13.20
C ASN A 186 20.54 -5.99 -14.48
N PRO A 187 20.18 -4.70 -14.49
CA PRO A 187 19.53 -4.10 -15.66
C PRO A 187 20.43 -3.94 -16.87
N ASN A 188 21.74 -4.14 -16.73
CA ASN A 188 22.64 -4.04 -17.86
C ASN A 188 23.37 -5.35 -18.20
N LEU A 189 23.12 -6.42 -17.47
CA LEU A 189 23.63 -7.75 -17.80
C LEU A 189 22.49 -8.74 -17.63
N SER A 190 21.99 -9.27 -18.73
CA SER A 190 20.87 -10.21 -18.69
C SER A 190 21.21 -11.39 -17.79
N GLY A 191 20.32 -11.70 -16.86
CA GLY A 191 20.42 -12.93 -16.11
C GLY A 191 21.26 -12.87 -14.85
N HIS A 192 21.90 -11.73 -14.55
CA HIS A 192 22.70 -11.58 -13.35
C HIS A 192 21.79 -11.12 -12.21
N LEU A 193 21.54 -12.00 -11.24
CA LEU A 193 20.65 -11.72 -10.11
C LEU A 193 21.41 -11.67 -8.80
N LEU A 194 21.06 -10.68 -7.97
CA LEU A 194 21.58 -10.56 -6.62
C LEU A 194 20.51 -10.90 -5.60
N SER A 195 20.95 -11.38 -4.44
CA SER A 195 20.03 -11.72 -3.38
C SER A 195 20.68 -11.48 -2.03
N ALA A 196 19.91 -10.89 -1.10
CA ALA A 196 20.33 -10.60 0.27
C ALA A 196 19.52 -11.41 1.28
N SER A 197 20.20 -12.00 2.25
CA SER A 197 19.60 -13.00 3.12
C SER A 197 19.89 -12.74 4.60
N ASP A 198 19.03 -13.30 5.45
CA ASP A 198 19.27 -13.36 6.90
C ASP A 198 20.56 -14.08 7.28
N ASP A 199 21.19 -14.80 6.35
CA ASP A 199 22.40 -15.55 6.66
C ASP A 199 23.65 -14.70 6.60
N HIS A 200 23.48 -13.39 6.43
CA HIS A 200 24.50 -12.34 6.42
C HIS A 200 25.17 -12.23 5.06
N THR A 201 24.74 -13.00 4.06
CA THR A 201 25.43 -13.09 2.78
C THR A 201 24.61 -12.49 1.65
N ILE A 202 25.33 -12.04 0.64
CA ILE A 202 24.71 -11.64 -0.63
C ILE A 202 25.06 -12.76 -1.62
N CYS A 203 24.09 -13.26 -2.39
CA CYS A 203 24.38 -14.32 -3.38
C CYS A 203 24.18 -13.84 -4.82
N LEU A 204 25.11 -14.17 -5.72
CA LEU A 204 25.02 -13.80 -7.11
C LEU A 204 24.81 -15.04 -7.96
N TRP A 205 23.92 -14.92 -8.95
CA TRP A 205 23.70 -15.96 -9.96
C TRP A 205 23.71 -15.37 -11.37
N ASP A 206 24.30 -16.11 -12.28
CA ASP A 206 24.24 -15.85 -13.72
C ASP A 206 23.37 -16.95 -14.30
N ILE A 207 22.06 -16.69 -14.39
CA ILE A 207 21.17 -17.74 -14.86
C ILE A 207 21.17 -17.86 -16.37
N SER A 208 21.93 -17.04 -17.09
CA SER A 208 22.34 -17.39 -18.45
C SER A 208 23.49 -18.40 -18.34
N ALA A 209 23.18 -19.53 -17.69
CA ALA A 209 24.10 -20.64 -17.48
C ALA A 209 23.66 -21.78 -18.35
N GLY A 214 20.80 -29.63 -12.48
CA GLY A 214 19.73 -29.60 -13.48
C GLY A 214 19.02 -28.25 -13.51
N LYS A 215 17.78 -28.24 -13.01
CA LYS A 215 17.05 -26.99 -12.80
C LYS A 215 17.59 -26.19 -11.61
N VAL A 216 18.52 -26.77 -10.86
CA VAL A 216 19.14 -26.15 -9.70
C VAL A 216 20.41 -25.44 -10.16
N VAL A 217 20.65 -24.23 -9.66
CA VAL A 217 21.85 -23.46 -9.97
C VAL A 217 22.51 -23.01 -8.67
N ASP A 218 23.79 -23.35 -8.51
CA ASP A 218 24.56 -22.87 -7.37
C ASP A 218 25.03 -21.43 -7.61
N ALA A 219 25.30 -20.72 -6.53
CA ALA A 219 25.66 -19.32 -6.67
C ALA A 219 27.01 -19.18 -7.38
N LYS A 220 27.06 -18.25 -8.33
CA LYS A 220 28.33 -17.87 -8.96
C LYS A 220 29.30 -17.28 -7.95
N THR A 221 28.80 -16.49 -7.00
CA THR A 221 29.65 -15.69 -6.11
C THR A 221 28.86 -15.32 -4.86
N ILE A 222 29.53 -15.38 -3.70
CA ILE A 222 28.92 -15.01 -2.43
C ILE A 222 29.78 -13.95 -1.73
N PHE A 223 29.17 -12.82 -1.39
CA PHE A 223 29.86 -11.68 -0.78
C PHE A 223 29.55 -11.65 0.71
N THR A 224 30.59 -11.59 1.55
CA THR A 224 30.43 -11.91 2.96
C THR A 224 30.75 -10.74 3.90
N GLY A 225 30.80 -9.51 3.40
CA GLY A 225 31.21 -8.39 4.23
C GLY A 225 30.33 -8.13 5.44
N HIS A 226 29.02 -8.36 5.33
CA HIS A 226 28.14 -7.98 6.42
C HIS A 226 28.29 -8.91 7.61
N THR A 227 27.97 -8.39 8.82
CA THR A 227 28.00 -9.22 10.03
C THR A 227 26.62 -9.35 10.67
N ALA A 228 25.56 -9.09 9.93
CA ALA A 228 24.21 -9.32 10.40
C ALA A 228 23.32 -9.51 9.19
N VAL A 229 22.01 -9.67 9.45
CA VAL A 229 21.01 -9.84 8.41
C VAL A 229 21.21 -8.82 7.30
N VAL A 230 21.39 -9.27 6.06
CA VAL A 230 21.52 -8.37 4.92
C VAL A 230 20.12 -8.10 4.40
N GLU A 231 19.62 -6.88 4.70
CA GLU A 231 18.21 -6.55 4.48
C GLU A 231 17.89 -6.37 3.01
N ASP A 232 18.78 -5.72 2.24
CA ASP A 232 18.48 -5.32 0.88
C ASP A 232 19.75 -5.25 0.03
N VAL A 233 19.59 -5.43 -1.28
CA VAL A 233 20.70 -5.29 -2.23
C VAL A 233 20.15 -4.74 -3.55
N SER A 234 20.85 -3.79 -4.15
CA SER A 234 20.43 -3.30 -5.46
C SER A 234 21.62 -3.11 -6.38
N TRP A 235 21.44 -3.46 -7.64
CA TRP A 235 22.43 -3.10 -8.63
C TRP A 235 22.46 -1.60 -8.84
N HIS A 236 23.65 -1.09 -9.10
CA HIS A 236 23.79 0.22 -9.72
C HIS A 236 23.18 0.17 -11.12
N LEU A 237 22.43 1.21 -11.49
CA LEU A 237 21.66 1.14 -12.72
C LEU A 237 22.46 1.53 -13.95
N LEU A 238 23.65 2.07 -13.80
CA LEU A 238 24.45 2.45 -14.97
C LEU A 238 25.79 1.74 -15.08
N HIS A 239 26.20 0.99 -14.05
CA HIS A 239 27.53 0.37 -13.98
C HIS A 239 27.34 -1.11 -13.67
N GLU A 240 27.66 -1.97 -14.65
CA GLU A 240 27.30 -3.38 -14.56
C GLU A 240 28.07 -4.11 -13.46
N SER A 241 29.17 -3.54 -12.98
CA SER A 241 30.00 -4.18 -11.97
C SER A 241 29.62 -3.79 -10.56
N LEU A 242 28.85 -2.72 -10.38
CA LEU A 242 28.62 -2.11 -9.08
C LEU A 242 27.24 -2.48 -8.53
N PHE A 243 27.18 -2.71 -7.23
CA PHE A 243 25.91 -2.85 -6.56
C PHE A 243 26.07 -2.49 -5.08
N GLY A 244 24.96 -2.16 -4.43
CA GLY A 244 25.00 -1.80 -3.02
C GLY A 244 24.27 -2.77 -2.12
N SER A 245 24.63 -2.81 -0.83
CA SER A 245 23.90 -3.63 0.12
C SER A 245 23.74 -2.89 1.44
N VAL A 246 22.69 -3.24 2.18
CA VAL A 246 22.41 -2.66 3.50
C VAL A 246 21.97 -3.79 4.43
N ALA A 247 22.36 -3.68 5.70
CA ALA A 247 22.17 -4.81 6.61
C ALA A 247 21.87 -4.30 8.01
N ASP A 248 21.52 -5.26 8.88
CA ASP A 248 21.27 -4.99 10.29
C ASP A 248 22.52 -4.57 11.06
N ASP A 249 23.71 -4.61 10.45
CA ASP A 249 24.92 -4.07 11.07
C ASP A 249 25.01 -2.54 10.92
N GLN A 250 23.94 -1.92 10.42
CA GLN A 250 23.80 -0.48 10.26
C GLN A 250 24.74 0.08 9.19
N LYS A 251 25.22 -0.75 8.27
CA LYS A 251 26.20 -0.37 7.25
C LYS A 251 25.60 -0.38 5.85
N LEU A 252 26.08 0.55 5.03
CA LEU A 252 25.91 0.51 3.59
C LEU A 252 27.24 0.08 2.98
N MET A 253 27.19 -0.87 2.05
CA MET A 253 28.40 -1.39 1.40
C MET A 253 28.25 -1.43 -0.12
N ILE A 254 29.33 -1.08 -0.79
CA ILE A 254 29.39 -0.97 -2.25
C ILE A 254 30.35 -2.02 -2.79
N TRP A 255 29.87 -2.84 -3.72
CA TRP A 255 30.58 -4.01 -4.19
C TRP A 255 30.86 -3.93 -5.68
N ASP A 256 32.07 -4.34 -6.06
CA ASP A 256 32.50 -4.38 -7.45
C ASP A 256 32.74 -5.83 -7.86
N THR A 257 31.89 -6.37 -8.76
CA THR A 257 32.01 -7.77 -9.17
C THR A 257 33.33 -8.06 -9.90
N ARG A 258 34.05 -7.03 -10.33
CA ARG A 258 35.36 -7.26 -10.93
C ARG A 258 36.41 -7.60 -9.88
N SER A 259 36.22 -7.20 -8.63
CA SER A 259 37.23 -7.39 -7.60
C SER A 259 37.42 -8.86 -7.27
N ASN A 260 38.67 -9.25 -7.02
CA ASN A 260 38.94 -10.64 -6.68
C ASN A 260 38.59 -11.00 -5.24
N ASN A 261 38.35 -10.01 -4.38
CA ASN A 261 38.05 -10.25 -2.98
C ASN A 261 36.55 -10.06 -2.75
N THR A 262 35.86 -11.14 -2.39
CA THR A 262 34.43 -11.09 -2.12
C THR A 262 34.11 -11.17 -0.63
N SER A 263 35.09 -10.90 0.22
CA SER A 263 34.89 -10.81 1.65
C SER A 263 35.03 -9.40 2.15
N LYS A 264 35.18 -8.43 1.26
CA LYS A 264 35.39 -7.04 1.64
C LYS A 264 34.78 -6.17 0.55
N PRO A 265 33.98 -5.17 0.91
CA PRO A 265 33.42 -4.26 -0.09
C PRO A 265 34.45 -3.26 -0.57
N SER A 266 34.10 -2.58 -1.67
CA SER A 266 34.90 -1.44 -2.10
C SER A 266 34.77 -0.28 -1.13
N HIS A 267 33.56 -0.05 -0.61
CA HIS A 267 33.29 0.99 0.37
C HIS A 267 32.32 0.47 1.42
N SER A 268 32.45 0.99 2.63
CA SER A 268 31.74 0.48 3.80
C SER A 268 31.57 1.62 4.81
N VAL A 269 30.39 2.26 4.81
CA VAL A 269 30.09 3.36 5.72
C VAL A 269 29.05 2.91 6.72
N ASP A 270 29.19 3.37 7.97
CA ASP A 270 28.11 3.34 8.96
C ASP A 270 27.03 4.28 8.48
N ALA A 271 25.92 3.73 7.99
CA ALA A 271 24.98 4.60 7.29
C ALA A 271 23.95 5.23 8.23
N HIS A 272 23.49 4.51 9.25
CA HIS A 272 22.43 4.96 10.13
C HIS A 272 22.74 4.53 11.57
N THR A 273 21.94 5.00 12.52
CA THR A 273 22.06 4.65 13.93
C THR A 273 21.27 3.41 14.33
N ALA A 274 20.77 2.65 13.35
CA ALA A 274 19.97 1.46 13.59
C ALA A 274 19.98 0.63 12.31
N GLU A 275 19.27 -0.49 12.34
CA GLU A 275 19.23 -1.38 11.20
C GLU A 275 18.91 -0.61 9.93
N VAL A 276 19.46 -1.07 8.81
CA VAL A 276 19.22 -0.41 7.52
C VAL A 276 18.52 -1.44 6.63
N ASN A 277 17.31 -1.09 6.17
CA ASN A 277 16.37 -2.04 5.58
C ASN A 277 16.36 -2.06 4.07
N CYS A 278 16.63 -0.94 3.41
CA CYS A 278 16.45 -0.93 1.97
C CYS A 278 17.33 0.13 1.38
N LEU A 279 17.64 -0.05 0.08
CA LEU A 279 18.37 0.95 -0.69
C LEU A 279 17.83 0.91 -2.11
N SER A 280 18.26 1.89 -2.90
CA SER A 280 17.79 2.08 -4.26
C SER A 280 18.65 3.15 -4.92
N PHE A 281 19.16 2.87 -6.13
CA PHE A 281 20.06 3.75 -6.85
C PHE A 281 19.30 4.68 -7.77
N ASN A 282 19.82 5.88 -7.93
CA ASN A 282 19.14 6.82 -8.78
C ASN A 282 19.24 6.35 -10.22
N PRO A 283 18.13 6.29 -10.96
CA PRO A 283 18.20 5.86 -12.36
C PRO A 283 18.75 6.91 -13.32
N TYR A 284 19.12 8.10 -12.85
CA TYR A 284 19.65 9.13 -13.72
C TYR A 284 21.05 9.59 -13.35
N SER A 285 21.40 9.58 -12.08
CA SER A 285 22.74 9.94 -11.65
C SER A 285 23.56 8.70 -11.39
N GLU A 286 24.83 8.74 -11.78
CA GLU A 286 25.76 7.67 -11.47
C GLU A 286 26.14 7.65 -10.01
N PHE A 287 25.91 8.75 -9.28
CA PHE A 287 26.49 8.90 -7.95
C PHE A 287 25.47 8.88 -6.83
N ILE A 288 24.19 9.06 -7.12
CA ILE A 288 23.17 9.26 -6.10
C ILE A 288 22.50 7.93 -5.77
N LEU A 289 22.32 7.68 -4.48
CA LEU A 289 21.49 6.58 -4.02
C LEU A 289 20.87 6.99 -2.70
N ALA A 290 19.89 6.20 -2.27
CA ALA A 290 19.18 6.40 -1.02
C ALA A 290 19.11 5.10 -0.23
N THR A 291 19.16 5.23 1.10
CA THR A 291 18.86 4.14 2.03
C THR A 291 17.74 4.54 3.00
N GLY A 292 17.03 3.54 3.47
CA GLY A 292 16.00 3.71 4.51
C GLY A 292 16.31 2.84 5.69
N SER A 293 15.96 3.32 6.89
CA SER A 293 16.45 2.72 8.12
C SER A 293 15.38 2.58 9.17
N ALA A 294 15.58 1.58 10.06
CA ALA A 294 14.82 1.47 11.29
C ALA A 294 14.96 2.70 12.18
N ASP A 295 15.89 3.60 11.87
CA ASP A 295 16.02 4.82 12.65
C ASP A 295 15.07 5.93 12.15
N LYS A 296 14.10 5.59 11.30
CA LYS A 296 13.03 6.47 10.84
C LYS A 296 13.53 7.52 9.86
N THR A 297 14.74 7.34 9.36
CA THR A 297 15.41 8.26 8.47
C THR A 297 15.51 7.65 7.07
N VAL A 298 15.54 8.52 6.06
CA VAL A 298 16.02 8.19 4.73
C VAL A 298 17.28 9.02 4.50
N ALA A 299 18.37 8.34 4.13
CA ALA A 299 19.64 9.02 3.88
C ALA A 299 19.92 9.07 2.40
N LEU A 300 20.52 10.16 1.95
CA LEU A 300 20.97 10.38 0.58
C LEU A 300 22.50 10.31 0.54
N TRP A 301 23.04 9.70 -0.52
CA TRP A 301 24.47 9.41 -0.57
C TRP A 301 25.05 9.72 -1.93
N ASP A 302 26.27 10.22 -1.93
CA ASP A 302 27.03 10.40 -3.16
C ASP A 302 28.18 9.42 -3.16
N LEU A 303 28.31 8.64 -4.24
CA LEU A 303 29.38 7.65 -4.29
C LEU A 303 30.75 8.30 -4.29
N ARG A 304 30.84 9.58 -4.64
CA ARG A 304 32.17 10.19 -4.69
C ARG A 304 32.72 10.45 -3.30
N ASN A 305 31.86 10.47 -2.28
CA ASN A 305 32.31 10.55 -0.90
C ASN A 305 31.19 10.07 0.02
N LEU A 306 31.17 8.78 0.32
CA LEU A 306 30.20 8.26 1.26
C LEU A 306 30.55 8.56 2.72
N LYS A 307 31.47 9.50 2.97
CA LYS A 307 31.89 9.75 4.34
C LYS A 307 30.84 10.48 5.18
N LEU A 308 29.77 10.98 4.58
CA LEU A 308 28.59 11.41 5.34
C LEU A 308 27.44 11.65 4.38
N LYS A 309 26.23 11.64 4.95
CA LYS A 309 25.02 11.79 4.16
C LYS A 309 24.98 13.16 3.49
N LEU A 310 24.56 13.18 2.22
CA LEU A 310 24.26 14.45 1.60
C LEU A 310 23.09 15.13 2.29
N HIS A 311 22.17 14.34 2.84
CA HIS A 311 20.87 14.80 3.33
C HIS A 311 20.19 13.67 4.09
N SER A 312 19.40 14.03 5.09
CA SER A 312 18.58 13.06 5.83
C SER A 312 17.12 13.52 5.83
N PHE A 313 16.21 12.64 5.35
CA PHE A 313 14.77 12.95 5.25
C PHE A 313 14.04 12.37 6.46
N GLU A 314 13.50 13.24 7.33
CA GLU A 314 13.23 12.83 8.70
C GLU A 314 11.76 12.69 9.08
N SER A 315 10.83 13.07 8.20
CA SER A 315 9.42 13.17 8.58
C SER A 315 8.75 11.83 8.95
N HIS A 316 9.25 10.66 8.52
CA HIS A 316 8.63 9.39 8.93
C HIS A 316 8.69 9.21 10.45
N LYS A 317 7.69 8.51 10.99
CA LYS A 317 7.56 8.34 12.45
C LYS A 317 7.81 6.90 12.91
N ASP A 318 8.38 6.06 12.06
CA ASP A 318 8.74 4.70 12.44
C ASP A 318 9.74 4.18 11.41
N GLU A 319 10.09 2.90 11.57
CA GLU A 319 10.98 2.19 10.66
C GLU A 319 10.56 2.32 9.20
N ILE A 320 11.52 2.64 8.33
CA ILE A 320 11.27 2.71 6.89
C ILE A 320 11.71 1.40 6.28
N PHE A 321 10.85 0.80 5.47
CA PHE A 321 11.13 -0.52 4.95
C PHE A 321 11.32 -0.55 3.44
N GLN A 322 11.10 0.56 2.73
CA GLN A 322 11.27 0.52 1.29
C GLN A 322 11.49 1.91 0.73
N VAL A 323 12.42 2.03 -0.22
CA VAL A 323 12.63 3.30 -0.93
C VAL A 323 12.77 3.00 -2.41
N GLN A 324 12.26 3.93 -3.23
CA GLN A 324 12.27 3.82 -4.68
C GLN A 324 12.32 5.22 -5.28
N TRP A 325 13.30 5.43 -6.15
CA TRP A 325 13.29 6.61 -7.01
C TRP A 325 12.15 6.54 -8.02
N SER A 326 11.62 7.70 -8.36
CA SER A 326 10.71 7.77 -9.48
C SER A 326 11.47 7.38 -10.74
N PRO A 327 10.84 6.61 -11.64
CA PRO A 327 11.48 6.34 -12.95
C PRO A 327 11.32 7.47 -13.96
N HIS A 328 10.53 8.49 -13.64
CA HIS A 328 10.30 9.58 -14.57
C HIS A 328 11.00 10.88 -14.19
N ASN A 329 11.50 10.99 -12.96
CA ASN A 329 11.98 12.28 -12.44
C ASN A 329 13.18 12.11 -11.52
N GLU A 330 14.32 12.67 -11.95
CA GLU A 330 15.60 12.47 -11.27
C GLU A 330 15.55 12.81 -9.80
N THR A 331 14.77 13.84 -9.43
CA THR A 331 14.78 14.40 -8.08
C THR A 331 13.57 14.00 -7.28
N ILE A 332 12.87 12.95 -7.65
CA ILE A 332 11.71 12.50 -6.90
C ILE A 332 11.99 11.12 -6.33
N LEU A 333 11.72 10.96 -5.05
CA LEU A 333 12.05 9.76 -4.30
C LEU A 333 10.92 9.47 -3.32
N ALA A 334 10.60 8.18 -3.17
CA ALA A 334 9.57 7.77 -2.25
C ALA A 334 10.09 6.72 -1.28
N SER A 335 9.48 6.70 -0.09
CA SER A 335 9.87 5.82 1.01
C SER A 335 8.60 5.35 1.70
N SER A 336 8.68 4.18 2.30
CA SER A 336 7.52 3.58 2.93
C SER A 336 7.91 2.95 4.26
N GLY A 337 6.98 2.94 5.21
CA GLY A 337 7.37 2.50 6.53
C GLY A 337 6.28 1.84 7.34
N THR A 338 6.65 1.44 8.57
CA THR A 338 5.66 0.88 9.47
C THR A 338 4.78 1.96 10.10
N ASP A 339 5.11 3.24 9.90
CA ASP A 339 4.20 4.27 10.35
C ASP A 339 2.92 4.38 9.49
N ARG A 340 2.63 3.41 8.62
CA ARG A 340 1.43 3.36 7.80
C ARG A 340 1.38 4.47 6.75
N ARG A 341 2.50 5.08 6.45
CA ARG A 341 2.57 6.22 5.56
C ARG A 341 3.59 5.95 4.46
N LEU A 342 3.30 6.48 3.27
CA LEU A 342 4.24 6.50 2.15
C LEU A 342 4.54 7.96 1.82
N ASN A 343 5.82 8.34 1.93
CA ASN A 343 6.25 9.72 1.73
C ASN A 343 6.96 9.88 0.39
N VAL A 344 6.65 10.97 -0.30
CA VAL A 344 7.25 11.29 -1.58
C VAL A 344 8.07 12.56 -1.41
N TRP A 345 9.34 12.49 -1.81
CA TRP A 345 10.28 13.58 -1.59
C TRP A 345 10.68 14.22 -2.91
N ASP A 346 10.87 15.53 -2.89
CA ASP A 346 11.42 16.29 -4.01
C ASP A 346 12.75 16.88 -3.57
N LEU A 347 13.85 16.35 -4.11
CA LEU A 347 15.18 16.81 -3.70
C LEU A 347 15.42 18.26 -4.09
N SER A 348 14.78 18.74 -5.14
CA SER A 348 15.02 20.10 -5.59
C SER A 348 14.48 21.14 -4.62
N LYS A 349 13.72 20.73 -3.59
CA LYS A 349 13.07 21.66 -2.67
C LYS A 349 13.77 21.74 -1.33
N ILE A 350 15.00 21.26 -1.24
CA ILE A 350 15.62 21.06 0.07
C ILE A 350 15.93 22.40 0.74
N GLY A 351 16.65 23.27 0.05
CA GLY A 351 16.92 24.48 0.81
C GLY A 351 15.79 25.49 0.89
N GLU A 352 14.63 25.18 0.32
CA GLU A 352 13.63 26.18 -0.03
C GLU A 352 13.08 26.89 1.20
N GLU A 353 12.63 28.13 1.00
CA GLU A 353 11.86 28.84 2.02
C GLU A 353 10.40 28.44 1.92
N GLN A 354 9.75 28.26 3.06
CA GLN A 354 8.33 27.94 3.08
C GLN A 354 7.69 28.72 4.22
N SER A 355 6.36 28.84 4.13
CA SER A 355 5.61 29.63 5.10
C SER A 355 5.60 28.93 6.46
N PRO A 356 5.53 29.70 7.56
CA PRO A 356 5.36 29.05 8.88
C PRO A 356 4.12 28.19 8.94
N GLU A 357 3.05 28.59 8.24
CA GLU A 357 1.93 27.70 8.00
C GLU A 357 2.41 26.35 7.48
N ASP A 358 3.22 26.37 6.41
CA ASP A 358 3.62 25.13 5.76
C ASP A 358 4.59 24.32 6.61
N ALA A 359 5.45 25.01 7.37
CA ALA A 359 6.53 24.31 8.07
C ALA A 359 6.00 23.31 9.08
N GLU A 360 4.78 23.53 9.61
CA GLU A 360 4.18 22.60 10.56
C GLU A 360 3.90 21.23 9.95
N ASP A 361 3.81 21.14 8.63
CA ASP A 361 3.50 19.88 7.95
C ASP A 361 4.74 19.15 7.44
N GLY A 362 5.92 19.74 7.56
CA GLY A 362 7.11 19.02 7.21
C GLY A 362 8.10 19.88 6.45
N PRO A 363 9.30 19.34 6.27
CA PRO A 363 10.33 20.06 5.53
C PRO A 363 9.84 20.35 4.13
N PRO A 364 10.46 21.32 3.44
CA PRO A 364 10.00 21.64 2.08
C PRO A 364 10.27 20.53 1.08
N GLU A 365 11.21 19.63 1.35
CA GLU A 365 11.45 18.54 0.42
C GLU A 365 10.45 17.42 0.55
N LEU A 366 9.53 17.48 1.53
CA LEU A 366 8.50 16.45 1.61
C LEU A 366 7.38 16.83 0.65
N LEU A 367 7.25 16.07 -0.44
CA LEU A 367 6.33 16.51 -1.49
C LEU A 367 4.89 16.17 -1.14
N PHE A 368 4.67 15.02 -0.54
CA PHE A 368 3.34 14.46 -0.44
C PHE A 368 3.38 13.38 0.61
N ILE A 369 2.27 13.24 1.33
CA ILE A 369 2.11 12.15 2.28
C ILE A 369 0.85 11.38 1.88
N HIS A 370 1.02 10.09 1.62
CA HIS A 370 -0.07 9.17 1.33
C HIS A 370 -0.56 8.58 2.66
N GLY A 371 -1.78 8.95 3.05
CA GLY A 371 -2.36 8.42 4.27
C GLY A 371 -3.44 7.39 4.02
N GLY A 372 -3.36 6.70 2.87
CA GLY A 372 -4.41 5.79 2.43
C GLY A 372 -4.38 4.41 3.04
N HIS A 373 -3.31 4.03 3.70
CA HIS A 373 -3.14 2.68 4.21
C HIS A 373 -3.40 2.61 5.72
N THR A 374 -4.03 1.53 6.13
CA THR A 374 -4.55 1.30 7.46
C THR A 374 -3.57 0.51 8.32
N ALA A 375 -2.56 -0.12 7.71
CA ALA A 375 -1.56 -0.89 8.42
C ALA A 375 -0.20 -0.60 7.81
N LYS A 376 0.82 -1.30 8.32
CA LYS A 376 2.17 -1.18 7.78
C LYS A 376 2.21 -1.46 6.28
N ILE A 377 2.97 -0.66 5.55
CA ILE A 377 3.08 -0.80 4.10
C ILE A 377 4.31 -1.67 3.79
N SER A 378 4.07 -2.84 3.20
CA SER A 378 5.19 -3.76 3.00
C SER A 378 6.03 -3.41 1.77
N ASP A 379 5.44 -2.77 0.76
CA ASP A 379 6.11 -2.59 -0.51
C ASP A 379 5.29 -1.64 -1.39
N PHE A 380 5.99 -0.98 -2.31
CA PHE A 380 5.34 -0.17 -3.33
C PHE A 380 6.18 -0.15 -4.60
N SER A 381 5.53 0.17 -5.74
CA SER A 381 6.20 0.34 -7.02
C SER A 381 5.64 1.56 -7.76
N TRP A 382 6.55 2.35 -8.33
CA TRP A 382 6.14 3.35 -9.30
C TRP A 382 5.77 2.68 -10.62
N ASN A 383 4.67 3.13 -11.22
CA ASN A 383 4.34 2.67 -12.56
C ASN A 383 5.36 3.20 -13.55
N PRO A 384 5.98 2.34 -14.38
CA PRO A 384 6.97 2.82 -15.35
C PRO A 384 6.37 3.44 -16.60
N ASN A 385 5.06 3.29 -16.82
CA ASN A 385 4.41 3.89 -17.98
C ASN A 385 3.41 5.00 -17.65
N GLU A 386 2.84 5.02 -16.45
CA GLU A 386 1.95 6.11 -16.07
C GLU A 386 2.65 6.96 -15.02
N PRO A 387 3.31 8.06 -15.41
CA PRO A 387 4.04 8.89 -14.44
C PRO A 387 3.18 9.28 -13.23
N TRP A 388 3.82 9.22 -12.07
CA TRP A 388 3.30 9.59 -10.76
C TRP A 388 2.28 8.61 -10.22
N VAL A 389 1.97 7.52 -10.94
CA VAL A 389 1.10 6.48 -10.42
C VAL A 389 1.94 5.50 -9.62
N ILE A 390 1.44 5.12 -8.44
CA ILE A 390 2.14 4.22 -7.52
C ILE A 390 1.16 3.10 -7.13
N CYS A 391 1.68 1.88 -7.03
CA CYS A 391 0.96 0.78 -6.38
C CYS A 391 1.62 0.47 -5.05
N SER A 392 0.84 0.47 -3.98
CA SER A 392 1.43 0.17 -2.67
C SER A 392 0.53 -0.82 -1.93
N VAL A 393 1.17 -1.73 -1.19
CA VAL A 393 0.49 -2.83 -0.50
C VAL A 393 0.86 -2.80 0.97
N SER A 394 -0.05 -3.29 1.80
CA SER A 394 0.04 -3.13 3.25
C SER A 394 -0.46 -4.40 3.93
N GLU A 395 -0.06 -4.58 5.19
CA GLU A 395 -0.22 -5.87 5.87
C GLU A 395 -1.65 -6.20 6.24
N ASP A 396 -2.63 -5.35 5.90
CA ASP A 396 -4.02 -5.61 6.18
C ASP A 396 -4.81 -6.02 4.92
N ASN A 397 -4.13 -6.55 3.91
CA ASN A 397 -4.66 -7.10 2.66
C ASN A 397 -4.92 -6.03 1.62
N ILE A 398 -4.75 -4.76 1.92
CA ILE A 398 -5.12 -3.72 0.96
C ILE A 398 -4.04 -3.60 -0.09
N MET A 399 -4.46 -3.37 -1.33
CA MET A 399 -3.59 -2.91 -2.40
C MET A 399 -4.18 -1.63 -2.95
N GLN A 400 -3.43 -0.53 -2.86
CA GLN A 400 -3.89 0.76 -3.34
C GLN A 400 -3.12 1.14 -4.59
N VAL A 401 -3.83 1.55 -5.62
CA VAL A 401 -3.28 2.11 -6.85
C VAL A 401 -3.68 3.58 -6.88
N TRP A 402 -2.69 4.48 -6.84
CA TRP A 402 -3.01 5.89 -6.60
C TRP A 402 -2.04 6.80 -7.34
N GLN A 403 -2.48 8.05 -7.48
CA GLN A 403 -1.76 9.08 -8.22
C GLN A 403 -2.03 10.41 -7.55
N MET A 404 -0.98 11.01 -7.03
CA MET A 404 -1.01 12.33 -6.43
C MET A 404 -1.58 13.36 -7.40
N ALA A 405 -2.29 14.35 -6.85
CA ALA A 405 -2.85 15.41 -7.67
C ALA A 405 -1.75 16.15 -8.42
N GLU A 406 -1.94 16.30 -9.74
CA GLU A 406 -1.01 17.06 -10.56
C GLU A 406 -0.73 18.43 -9.97
N ASN A 407 -1.75 19.04 -9.36
CA ASN A 407 -1.64 20.32 -8.70
C ASN A 407 -0.45 20.37 -7.75
N ILE A 408 -0.14 19.23 -7.14
CA ILE A 408 0.83 19.19 -6.07
C ILE A 408 2.26 19.24 -6.60
N TYR A 409 2.56 18.51 -7.67
CA TYR A 409 3.92 18.47 -8.18
C TYR A 409 4.14 19.44 -9.35
N ASN A 410 3.32 20.49 -9.42
CA ASN A 410 3.50 21.57 -10.39
C ASN A 410 3.42 22.95 -9.73
N ASP A 411 3.53 23.99 -10.55
CA ASP A 411 3.26 25.37 -10.12
C ASP A 411 2.59 26.13 -11.28
N ASP B 4 -22.58 -24.22 -9.12
CA ASP B 4 -23.78 -23.50 -8.71
C ASP B 4 -23.68 -23.10 -7.24
N LYS B 5 -23.83 -24.08 -6.35
CA LYS B 5 -23.53 -23.85 -4.94
C LYS B 5 -22.08 -24.16 -4.61
N LYS B 6 -21.39 -24.92 -5.46
CA LYS B 6 -19.94 -25.01 -5.34
C LYS B 6 -19.31 -23.63 -5.44
N ALA B 7 -19.82 -22.80 -6.36
CA ALA B 7 -19.24 -21.47 -6.58
C ALA B 7 -19.51 -20.55 -5.39
N SER B 8 -20.76 -20.55 -4.91
CA SER B 8 -21.10 -19.69 -3.79
C SER B 8 -20.25 -20.04 -2.58
N GLN B 9 -19.99 -21.33 -2.38
CA GLN B 9 -19.18 -21.79 -1.25
C GLN B 9 -17.71 -21.37 -1.41
N LYS B 10 -17.17 -21.46 -2.63
CA LYS B 10 -15.80 -21.02 -2.85
C LYS B 10 -15.65 -19.52 -2.62
N ILE B 11 -16.67 -18.73 -2.94
CA ILE B 11 -16.63 -17.29 -2.64
C ILE B 11 -16.55 -17.09 -1.13
N GLY B 12 -17.28 -17.90 -0.37
CA GLY B 12 -17.24 -17.79 1.09
C GLY B 12 -15.89 -18.17 1.66
N PHE B 13 -15.26 -19.21 1.11
CA PHE B 13 -13.91 -19.57 1.55
C PHE B 13 -12.95 -18.40 1.38
N ARG B 14 -13.02 -17.71 0.23
CA ARG B 14 -12.20 -16.53 0.00
C ARG B 14 -12.53 -15.43 1.00
N LEU B 15 -13.81 -15.20 1.26
CA LEU B 15 -14.19 -14.13 2.18
C LEU B 15 -13.70 -14.44 3.59
N ARG B 16 -13.89 -15.69 4.04
CA ARG B 16 -13.50 -16.08 5.39
C ARG B 16 -11.99 -15.93 5.62
N ASN B 17 -11.19 -16.09 4.56
CA ASN B 17 -9.74 -16.00 4.73
C ASN B 17 -9.28 -14.57 4.97
N LEU B 18 -9.92 -13.60 4.31
CA LEU B 18 -9.65 -12.19 4.62
C LEU B 18 -10.12 -11.87 6.03
N LEU B 19 -11.39 -12.21 6.34
CA LEU B 19 -11.99 -11.75 7.58
C LEU B 19 -11.35 -12.38 8.81
N LYS B 20 -10.81 -13.61 8.67
CA LYS B 20 -10.13 -14.23 9.79
C LYS B 20 -8.84 -13.49 10.16
N LEU B 21 -8.29 -12.70 9.24
CA LEU B 21 -7.09 -11.91 9.52
C LEU B 21 -7.48 -10.63 10.25
N PRO B 22 -6.95 -10.38 11.45
CA PRO B 22 -7.51 -9.30 12.27
C PRO B 22 -7.24 -7.91 11.72
N LYS B 23 -6.06 -7.69 11.10
CA LYS B 23 -5.78 -6.39 10.48
C LYS B 23 -6.75 -6.14 9.33
N ALA B 24 -6.89 -7.11 8.43
CA ALA B 24 -7.89 -7.02 7.38
C ALA B 24 -9.28 -6.83 7.98
N HIS B 25 -9.56 -7.54 9.08
CA HIS B 25 -10.88 -7.43 9.68
C HIS B 25 -11.17 -6.02 10.16
N LYS B 26 -10.16 -5.35 10.75
CA LYS B 26 -10.37 -3.98 11.24
C LYS B 26 -10.41 -2.97 10.10
N TRP B 27 -9.70 -3.25 8.99
CA TRP B 27 -9.85 -2.38 7.82
C TRP B 27 -11.31 -2.31 7.38
N CYS B 28 -12.05 -3.43 7.47
CA CYS B 28 -13.45 -3.44 7.09
C CYS B 28 -14.27 -2.48 7.93
N ILE B 29 -13.92 -2.36 9.21
CA ILE B 29 -14.55 -1.39 10.09
C ILE B 29 -14.21 0.04 9.66
N TYR B 30 -12.94 0.28 9.33
CA TYR B 30 -12.53 1.62 8.95
C TYR B 30 -13.19 2.08 7.66
N GLU B 31 -13.47 1.14 6.75
CA GLU B 31 -13.93 1.52 5.42
C GLU B 31 -15.43 1.79 5.42
N TRP B 32 -16.21 0.93 6.04
CA TRP B 32 -17.66 1.03 5.92
C TRP B 32 -18.41 1.37 7.20
N PHE B 33 -17.80 1.25 8.38
CA PHE B 33 -18.53 1.38 9.64
C PHE B 33 -18.55 2.83 10.11
N TYR B 34 -19.70 3.48 10.00
CA TYR B 34 -19.96 4.83 10.48
C TYR B 34 -21.09 4.78 11.49
N SER B 35 -20.84 5.24 12.71
CA SER B 35 -21.89 5.34 13.71
C SER B 35 -22.97 6.33 13.30
N ASN B 36 -23.99 6.45 14.15
CA ASN B 36 -25.10 7.34 13.85
C ASN B 36 -24.69 8.81 13.82
N ILE B 37 -23.88 9.24 14.80
CA ILE B 37 -23.49 10.65 14.81
C ILE B 37 -22.43 10.96 13.76
N ASP B 38 -21.70 9.96 13.27
CA ASP B 38 -20.65 10.24 12.31
C ASP B 38 -21.16 10.28 10.87
N LYS B 39 -22.23 9.53 10.56
CA LYS B 39 -22.80 9.53 9.22
C LYS B 39 -23.02 10.93 8.66
N PRO B 40 -23.67 11.86 9.36
CA PRO B 40 -23.79 13.22 8.79
C PRO B 40 -22.45 13.90 8.57
N LEU B 41 -21.48 13.65 9.46
CA LEU B 41 -20.18 14.28 9.34
C LEU B 41 -19.43 13.82 8.10
N PHE B 42 -19.81 12.69 7.52
CA PHE B 42 -19.06 12.16 6.39
C PHE B 42 -19.88 11.88 5.16
N GLU B 43 -21.19 11.64 5.27
CA GLU B 43 -21.99 11.24 4.12
C GLU B 43 -22.56 12.40 3.33
N GLY B 44 -22.39 13.64 3.77
CA GLY B 44 -22.84 14.77 3.02
C GLY B 44 -21.87 15.18 1.92
N ASP B 45 -21.99 16.44 1.51
CA ASP B 45 -21.02 17.08 0.62
C ASP B 45 -19.70 17.31 1.36
N ASN B 46 -18.60 16.89 0.76
CA ASN B 46 -17.31 17.26 1.32
C ASN B 46 -16.97 18.68 0.90
N ASP B 47 -15.87 19.21 1.43
CA ASP B 47 -15.50 20.57 1.08
C ASP B 47 -15.24 20.70 -0.41
N PHE B 48 -14.64 19.68 -1.02
CA PHE B 48 -14.41 19.72 -2.46
C PHE B 48 -15.73 19.87 -3.21
N CYS B 49 -16.75 19.07 -2.84
CA CYS B 49 -18.06 19.16 -3.48
C CYS B 49 -18.73 20.50 -3.17
N VAL B 50 -18.51 21.03 -1.97
CA VAL B 50 -19.02 22.36 -1.64
C VAL B 50 -18.36 23.40 -2.53
N CYS B 51 -17.02 23.35 -2.66
CA CYS B 51 -16.33 24.36 -3.45
C CYS B 51 -16.72 24.25 -4.91
N LEU B 52 -16.88 23.01 -5.40
CA LEU B 52 -17.38 22.77 -6.75
C LEU B 52 -18.69 23.48 -6.98
N LYS B 53 -19.62 23.36 -6.02
CA LYS B 53 -20.94 23.93 -6.17
C LYS B 53 -20.92 25.45 -6.12
N GLU B 54 -19.96 26.05 -5.41
CA GLU B 54 -20.00 27.48 -5.18
C GLU B 54 -19.14 28.28 -6.14
N SER B 55 -17.95 27.81 -6.49
CA SER B 55 -17.08 28.52 -7.41
C SER B 55 -17.11 27.96 -8.84
N PHE B 56 -17.90 26.92 -9.09
CA PHE B 56 -18.13 26.41 -10.45
C PHE B 56 -19.62 26.16 -10.65
N PRO B 57 -20.43 27.20 -10.49
CA PRO B 57 -21.88 27.00 -10.47
C PRO B 57 -22.48 26.58 -11.81
N ASN B 58 -21.82 26.86 -12.92
CA ASN B 58 -22.34 26.43 -14.21
C ASN B 58 -21.86 25.03 -14.61
N LEU B 59 -20.99 24.43 -13.81
CA LEU B 59 -20.52 23.06 -14.04
C LEU B 59 -21.55 22.09 -13.47
N LYS B 60 -22.39 21.51 -14.34
CA LYS B 60 -23.43 20.62 -13.80
C LYS B 60 -23.04 19.16 -13.84
N THR B 61 -22.13 18.76 -14.73
CA THR B 61 -21.64 17.39 -14.73
C THR B 61 -20.62 17.16 -13.62
N ARG B 62 -20.43 15.89 -13.28
CA ARG B 62 -19.36 15.46 -12.38
C ARG B 62 -18.48 14.40 -13.02
N LYS B 63 -18.51 14.24 -14.34
CA LYS B 63 -17.68 13.27 -15.04
C LYS B 63 -16.77 14.05 -15.99
N LEU B 64 -15.50 14.16 -15.60
CA LEU B 64 -14.51 14.96 -16.30
C LEU B 64 -13.20 14.19 -16.27
N THR B 65 -12.26 14.65 -17.10
CA THR B 65 -10.97 14.03 -17.24
C THR B 65 -10.00 14.57 -16.18
N ARG B 66 -8.95 13.79 -15.92
CA ARG B 66 -7.87 14.21 -15.04
C ARG B 66 -7.43 15.64 -15.33
N VAL B 67 -7.32 15.98 -16.62
CA VAL B 67 -6.90 17.32 -17.04
C VAL B 67 -7.91 18.36 -16.59
N GLU B 68 -9.19 18.13 -16.90
CA GLU B 68 -10.21 19.07 -16.46
C GLU B 68 -10.23 19.17 -14.94
N TRP B 69 -10.24 18.02 -14.26
CA TRP B 69 -10.15 18.00 -12.81
C TRP B 69 -8.90 18.76 -12.34
N GLY B 70 -7.80 18.60 -13.07
CA GLY B 70 -6.61 19.36 -12.74
C GLY B 70 -6.85 20.86 -12.82
N LYS B 71 -7.43 21.33 -13.93
CA LYS B 71 -7.71 22.76 -14.06
C LYS B 71 -8.55 23.26 -12.90
N ILE B 72 -9.42 22.41 -12.37
CA ILE B 72 -10.25 22.82 -11.23
C ILE B 72 -9.41 22.92 -9.96
N ARG B 73 -8.58 21.90 -9.69
CA ARG B 73 -7.80 21.90 -8.46
C ARG B 73 -6.72 22.99 -8.46
N ARG B 74 -6.19 23.35 -9.63
CA ARG B 74 -5.25 24.47 -9.66
C ARG B 74 -5.94 25.79 -9.37
N LEU B 75 -7.24 25.90 -9.67
CA LEU B 75 -7.97 27.08 -9.27
C LEU B 75 -8.18 27.12 -7.77
N MET B 76 -8.32 25.97 -7.13
CA MET B 76 -8.58 25.92 -5.70
C MET B 76 -7.31 26.03 -4.85
N GLY B 77 -6.12 26.02 -5.47
CA GLY B 77 -4.89 26.16 -4.72
C GLY B 77 -4.36 24.85 -4.17
N LYS B 78 -3.10 24.89 -3.74
CA LYS B 78 -2.40 23.67 -3.37
C LYS B 78 -2.87 23.16 -2.00
N PRO B 79 -3.12 21.87 -1.85
CA PRO B 79 -3.55 21.34 -0.55
C PRO B 79 -2.41 21.25 0.45
N ARG B 80 -2.80 21.11 1.70
CA ARG B 80 -1.85 20.86 2.76
C ARG B 80 -1.36 19.42 2.67
N ARG B 81 -0.10 19.20 3.02
CA ARG B 81 0.40 17.85 3.12
C ARG B 81 -0.26 17.15 4.31
N CYS B 82 -0.71 15.90 4.10
CA CYS B 82 -1.38 15.16 5.18
C CYS B 82 -0.43 14.81 6.31
N SER B 83 0.06 15.85 6.96
CA SER B 83 0.98 15.76 8.08
C SER B 83 0.37 15.01 9.25
N SER B 84 1.16 14.76 10.28
CA SER B 84 0.55 14.36 11.55
C SER B 84 -0.13 15.54 12.23
N ALA B 85 0.40 16.76 12.06
CA ALA B 85 -0.31 17.91 12.61
C ALA B 85 -1.65 18.08 11.90
N PHE B 86 -1.68 17.86 10.59
CA PHE B 86 -2.91 18.02 9.81
C PHE B 86 -3.99 17.08 10.31
N PHE B 87 -3.66 15.81 10.46
CA PHE B 87 -4.64 14.86 10.97
C PHE B 87 -5.09 15.22 12.37
N GLU B 88 -4.18 15.80 13.18
CA GLU B 88 -4.53 16.22 14.54
C GLU B 88 -5.52 17.37 14.52
N GLU B 89 -5.27 18.39 13.69
CA GLU B 89 -6.23 19.47 13.53
C GLU B 89 -7.55 18.95 13.00
N GLU B 90 -7.50 17.98 12.08
CA GLU B 90 -8.73 17.39 11.56
C GLU B 90 -9.44 16.54 12.60
N ARG B 91 -8.68 15.90 13.48
CA ARG B 91 -9.28 15.05 14.51
C ARG B 91 -10.08 15.88 15.51
N SER B 92 -9.49 16.97 16.01
CA SER B 92 -10.22 17.81 16.95
C SER B 92 -11.29 18.64 16.25
N ALA B 93 -11.21 18.84 14.94
CA ALA B 93 -12.38 19.39 14.25
C ALA B 93 -13.52 18.38 14.29
N LEU B 94 -13.19 17.11 14.12
CA LEU B 94 -14.17 16.05 14.22
C LEU B 94 -14.79 15.97 15.62
N LYS B 95 -14.02 16.32 16.65
CA LYS B 95 -14.60 16.32 17.99
C LYS B 95 -15.60 17.46 18.17
N GLN B 96 -15.36 18.61 17.53
CA GLN B 96 -16.28 19.72 17.60
C GLN B 96 -17.52 19.51 16.73
N LYS B 97 -17.34 18.94 15.54
CA LYS B 97 -18.48 18.58 14.71
C LYS B 97 -19.41 17.61 15.43
N ARG B 98 -18.83 16.71 16.22
CA ARG B 98 -19.66 15.73 16.91
C ARG B 98 -20.55 16.40 17.95
N GLN B 99 -19.96 17.29 18.76
CA GLN B 99 -20.77 17.96 19.78
C GLN B 99 -21.82 18.84 19.15
N LYS B 100 -21.48 19.50 18.04
CA LYS B 100 -22.44 20.27 17.26
C LYS B 100 -23.65 19.42 16.90
N ILE B 101 -23.40 18.23 16.32
CA ILE B 101 -24.50 17.30 16.03
C ILE B 101 -25.19 16.88 17.32
N ARG B 102 -24.42 16.68 18.38
CA ARG B 102 -24.96 16.14 19.62
C ARG B 102 -26.04 17.03 20.20
N LEU B 103 -25.67 18.25 20.57
CA LEU B 103 -26.66 19.11 21.21
C LEU B 103 -27.79 19.47 20.26
N LEU B 104 -27.58 19.31 18.96
CA LEU B 104 -28.71 19.31 18.04
C LEU B 104 -29.62 18.11 18.24
N GLN B 105 -29.29 17.22 19.18
CA GLN B 105 -30.04 16.00 19.45
C GLN B 105 -30.06 15.12 18.22
N ASP B 120 -33.02 19.56 9.78
CA ASP B 120 -33.74 18.70 10.70
C ASP B 120 -33.85 17.28 10.13
N GLU B 121 -32.80 16.87 9.43
CA GLU B 121 -32.62 15.48 9.00
C GLU B 121 -31.27 14.96 9.48
N ILE B 122 -30.90 15.34 10.70
CA ILE B 122 -29.76 14.77 11.41
C ILE B 122 -30.29 13.57 12.19
N PRO B 123 -29.44 12.67 12.69
CA PRO B 123 -29.97 11.46 13.31
C PRO B 123 -30.59 11.73 14.66
N LEU B 124 -31.61 10.94 14.97
CA LEU B 124 -32.31 11.07 16.24
C LEU B 124 -31.49 10.40 17.35
N PRO B 125 -31.57 10.86 18.63
CA PRO B 125 -30.95 10.13 19.73
C PRO B 125 -31.46 8.69 19.77
N LEU B 126 -30.56 7.76 20.11
CA LEU B 126 -30.95 6.33 20.10
C LEU B 126 -31.52 6.04 21.49
N GLY B 129 -34.23 0.89 24.26
CA GLY B 129 -34.57 -0.42 23.65
C GLY B 129 -34.27 -0.49 22.17
N THR B 130 -33.49 0.45 21.64
CA THR B 130 -33.10 0.46 20.20
C THR B 130 -32.06 -0.62 19.96
N LYS B 131 -32.30 -1.51 18.98
CA LYS B 131 -31.33 -2.53 18.62
C LYS B 131 -30.17 -1.86 17.88
N VAL B 132 -28.94 -2.19 18.29
CA VAL B 132 -27.75 -1.51 17.83
C VAL B 132 -26.68 -2.50 17.42
N THR B 133 -25.75 -2.01 16.62
CA THR B 133 -24.49 -2.68 16.33
C THR B 133 -23.39 -1.82 16.93
N ALA B 134 -22.57 -2.41 17.80
CA ALA B 134 -21.62 -1.64 18.59
C ALA B 134 -20.22 -2.21 18.43
N ARG B 135 -19.24 -1.31 18.45
CA ARG B 135 -17.84 -1.71 18.45
C ARG B 135 -17.43 -2.15 19.86
N LEU B 136 -17.00 -3.39 19.98
CA LEU B 136 -16.47 -3.93 21.22
C LEU B 136 -15.07 -4.48 20.98
N ARG B 137 -14.18 -4.29 21.97
CA ARG B 137 -12.77 -4.59 21.80
C ARG B 137 -12.29 -5.51 22.91
N GLY B 138 -10.99 -5.83 22.87
CA GLY B 138 -10.33 -6.62 23.91
C GLY B 138 -10.42 -8.11 23.61
N VAL B 139 -11.08 -8.85 24.50
CA VAL B 139 -11.34 -10.27 24.28
C VAL B 139 -12.06 -10.42 22.95
N HIS B 140 -13.30 -9.95 22.91
CA HIS B 140 -14.03 -9.84 21.65
C HIS B 140 -13.48 -8.68 20.84
N ASP B 141 -13.70 -8.73 19.53
CA ASP B 141 -13.17 -7.68 18.68
C ASP B 141 -13.89 -7.65 17.34
N GLY B 142 -15.22 -7.63 17.40
CA GLY B 142 -16.01 -7.38 16.21
C GLY B 142 -16.99 -6.26 16.49
N LEU B 143 -17.95 -6.08 15.60
CA LEU B 143 -19.13 -5.30 15.89
C LEU B 143 -20.26 -6.28 16.19
N PHE B 144 -20.83 -6.19 17.38
CA PHE B 144 -21.85 -7.12 17.82
C PHE B 144 -23.16 -6.39 18.04
N THR B 145 -24.28 -7.13 17.97
CA THR B 145 -25.61 -6.57 18.10
C THR B 145 -26.01 -6.48 19.58
N GLY B 146 -27.02 -5.67 19.87
CA GLY B 146 -27.48 -5.59 21.24
C GLY B 146 -28.51 -4.49 21.42
N GLN B 147 -28.81 -4.25 22.69
CA GLN B 147 -29.81 -3.29 23.12
C GLN B 147 -29.14 -2.11 23.79
N ILE B 148 -29.71 -0.92 23.63
CA ILE B 148 -29.30 0.18 24.48
C ILE B 148 -29.98 0.01 25.83
N ASP B 149 -29.22 -0.52 26.80
CA ASP B 149 -29.75 -0.64 28.16
C ASP B 149 -29.98 0.74 28.78
N ALA B 150 -28.98 1.61 28.71
CA ALA B 150 -29.09 2.96 29.26
C ALA B 150 -28.46 3.97 28.30
N VAL B 151 -29.13 5.13 28.19
CA VAL B 151 -28.58 6.30 27.51
C VAL B 151 -27.96 7.20 28.58
N ASP B 152 -26.91 7.92 28.20
CA ASP B 152 -26.22 8.79 29.16
C ASP B 152 -25.64 9.97 28.38
N THR B 153 -26.36 11.08 28.39
CA THR B 153 -25.87 12.28 27.72
C THR B 153 -24.76 12.96 28.52
N LEU B 154 -24.49 12.50 29.73
CA LEU B 154 -23.39 13.01 30.55
C LEU B 154 -22.01 12.93 29.90
N ASN B 155 -21.50 11.72 29.72
CA ASN B 155 -20.30 11.50 28.93
C ASN B 155 -20.59 11.14 27.48
N ALA B 156 -21.82 11.38 27.02
CA ALA B 156 -22.22 11.10 25.64
C ALA B 156 -21.95 9.63 25.28
N THR B 157 -22.49 8.74 26.11
CA THR B 157 -22.26 7.31 25.96
C THR B 157 -23.58 6.56 26.05
N TYR B 158 -23.54 5.28 25.70
CA TYR B 158 -24.67 4.38 25.87
C TYR B 158 -24.24 3.13 26.62
N ARG B 159 -25.15 2.60 27.44
CA ARG B 159 -25.03 1.24 27.92
C ARG B 159 -25.60 0.32 26.86
N VAL B 160 -24.82 -0.66 26.44
CA VAL B 160 -25.27 -1.63 25.45
C VAL B 160 -25.21 -3.03 26.07
N THR B 161 -26.34 -3.73 26.05
CA THR B 161 -26.40 -5.14 26.45
C THR B 161 -26.34 -5.99 25.19
N PHE B 162 -25.36 -6.88 25.13
CA PHE B 162 -25.10 -7.62 23.90
C PHE B 162 -25.86 -8.93 23.87
N ASP B 163 -26.40 -9.25 22.69
CA ASP B 163 -27.11 -10.51 22.46
C ASP B 163 -26.18 -11.70 22.70
N GLY B 168 -21.59 -8.89 27.93
CA GLY B 168 -22.68 -8.43 28.77
C GLY B 168 -23.10 -6.99 28.51
N THR B 169 -22.90 -6.12 29.49
CA THR B 169 -23.20 -4.70 29.34
C THR B 169 -21.93 -3.89 29.37
N HIS B 170 -21.82 -2.92 28.45
CA HIS B 170 -20.63 -2.10 28.32
C HIS B 170 -21.05 -0.66 28.02
N THR B 171 -20.31 0.28 28.59
CA THR B 171 -20.46 1.70 28.25
C THR B 171 -19.69 1.96 26.95
N ILE B 172 -20.39 2.45 25.92
CA ILE B 172 -19.75 2.66 24.63
C ILE B 172 -19.93 4.10 24.19
N PRO B 173 -18.90 4.75 23.67
CA PRO B 173 -19.10 6.07 23.03
C PRO B 173 -20.19 6.03 21.97
N ASP B 174 -20.80 7.18 21.66
CA ASP B 174 -21.86 7.20 20.67
C ASP B 174 -21.31 7.10 19.25
N TYR B 175 -20.07 7.52 19.02
CA TYR B 175 -19.47 7.41 17.70
C TYR B 175 -19.01 5.96 17.39
N GLU B 176 -19.28 4.98 18.26
CA GLU B 176 -19.01 3.56 17.98
C GLU B 176 -20.28 2.71 18.14
N VAL B 177 -21.46 3.31 17.98
CA VAL B 177 -22.73 2.60 18.07
C VAL B 177 -23.54 2.94 16.84
N LEU B 178 -23.99 1.92 16.12
CA LEU B 178 -24.80 2.09 14.92
C LEU B 178 -26.21 1.55 15.16
N SER B 179 -27.23 2.35 14.85
CA SER B 179 -28.60 1.93 15.08
C SER B 179 -28.99 0.84 14.09
N ASN B 180 -29.65 -0.21 14.61
CA ASN B 180 -29.93 -1.44 13.87
C ASN B 180 -28.65 -2.14 13.42
N TYR C 4 -28.25 -17.77 -1.45
CA TYR C 4 -27.18 -18.41 -0.68
C TYR C 4 -26.59 -17.53 0.41
N VAL C 5 -27.12 -17.59 1.64
CA VAL C 5 -26.70 -16.69 2.71
C VAL C 5 -25.87 -17.48 3.72
N ILE C 6 -24.73 -16.89 4.11
CA ILE C 6 -23.84 -17.50 5.08
C ILE C 6 -23.69 -16.56 6.27
N LYS C 7 -23.36 -17.15 7.41
CA LYS C 7 -23.03 -16.42 8.62
C LYS C 7 -21.52 -16.51 8.81
N LEU C 8 -20.89 -15.36 9.02
CA LEU C 8 -19.44 -15.28 9.17
C LEU C 8 -19.13 -14.20 10.19
N PHE C 9 -18.79 -14.61 11.42
CA PHE C 9 -18.37 -13.71 12.49
C PHE C 9 -19.42 -12.63 12.77
N ASP C 10 -20.61 -13.09 13.19
CA ASP C 10 -21.73 -12.27 13.64
C ASP C 10 -22.34 -11.39 12.56
N ARG C 11 -21.87 -11.45 11.33
CA ARG C 11 -22.52 -10.78 10.21
C ARG C 11 -22.83 -11.79 9.12
N SER C 12 -23.85 -11.48 8.32
CA SER C 12 -24.28 -12.36 7.25
C SER C 12 -24.20 -11.63 5.91
N VAL C 13 -24.14 -12.42 4.84
CA VAL C 13 -23.99 -11.91 3.50
C VAL C 13 -24.56 -12.95 2.53
N ASP C 14 -25.31 -12.48 1.55
CA ASP C 14 -25.81 -13.37 0.50
C ASP C 14 -24.79 -13.39 -0.63
N LEU C 15 -23.99 -14.45 -0.69
CA LEU C 15 -22.99 -14.51 -1.75
C LEU C 15 -23.58 -14.92 -3.09
N ALA C 16 -24.89 -15.13 -3.17
CA ALA C 16 -25.49 -15.57 -4.44
C ALA C 16 -25.43 -14.48 -5.51
N GLN C 17 -25.42 -13.21 -5.11
CA GLN C 17 -25.30 -12.12 -6.07
C GLN C 17 -23.89 -11.99 -6.66
N PHE C 18 -22.93 -12.73 -6.15
CA PHE C 18 -21.54 -12.61 -6.61
C PHE C 18 -21.15 -13.84 -7.39
N SER C 19 -19.97 -13.76 -8.01
CA SER C 19 -19.36 -14.86 -8.71
C SER C 19 -17.98 -15.10 -8.12
N GLU C 20 -17.43 -16.26 -8.47
CA GLU C 20 -16.08 -16.61 -8.01
C GLU C 20 -15.05 -15.58 -8.45
N ASN C 21 -15.30 -14.91 -9.58
CA ASN C 21 -14.36 -13.90 -10.06
C ASN C 21 -14.54 -12.55 -9.39
N THR C 22 -15.59 -12.35 -8.60
CA THR C 22 -15.80 -11.06 -7.98
C THR C 22 -14.66 -10.75 -7.02
N PRO C 23 -14.05 -9.57 -7.10
CA PRO C 23 -13.02 -9.20 -6.13
C PRO C 23 -13.62 -8.97 -4.75
N LEU C 24 -12.77 -9.06 -3.73
CA LEU C 24 -13.26 -9.09 -2.36
C LEU C 24 -13.80 -7.75 -1.88
N TYR C 25 -13.37 -6.62 -2.46
CA TYR C 25 -13.87 -5.32 -2.00
C TYR C 25 -15.39 -5.23 -1.97
N PRO C 26 -16.12 -5.51 -3.05
CA PRO C 26 -17.59 -5.40 -2.97
C PRO C 26 -18.24 -6.47 -2.09
N ILE C 27 -17.57 -7.61 -1.88
CA ILE C 27 -18.15 -8.66 -1.05
C ILE C 27 -18.01 -8.31 0.42
N CYS C 28 -16.88 -7.71 0.80
CA CYS C 28 -16.70 -7.17 2.15
C CYS C 28 -17.77 -6.15 2.48
N ARG C 29 -18.08 -5.26 1.53
CA ARG C 29 -19.10 -4.25 1.75
C ARG C 29 -20.44 -4.88 2.12
N ALA C 30 -20.86 -5.89 1.34
CA ALA C 30 -22.13 -6.56 1.61
C ALA C 30 -22.10 -7.27 2.95
N TRP C 31 -20.93 -7.80 3.31
CA TRP C 31 -20.79 -8.38 4.64
C TRP C 31 -20.95 -7.31 5.71
N MET C 32 -20.48 -6.08 5.46
CA MET C 32 -20.56 -5.05 6.49
C MET C 32 -21.93 -4.37 6.55
N ARG C 33 -22.65 -4.28 5.44
CA ARG C 33 -23.94 -3.61 5.42
C ARG C 33 -24.96 -4.36 6.28
N ASN C 34 -26.04 -3.68 6.62
CA ASN C 34 -27.03 -4.18 7.57
C ASN C 34 -28.30 -4.73 6.93
N SER C 35 -29.45 -4.49 7.55
CA SER C 35 -30.72 -5.17 7.22
C SER C 35 -31.13 -5.02 5.76
#